data_7JWN
#
_entry.id   7JWN
#
_cell.length_a   170.499
_cell.length_b   38.878
_cell.length_c   98.501
_cell.angle_alpha   90.000
_cell.angle_beta   104.470
_cell.angle_gamma   90.000
#
_symmetry.space_group_name_H-M   'C 1 2 1'
#
loop_
_entity.id
_entity.type
_entity.pdbx_description
1 polymer Albumin
2 non-polymer CYSTEINE
3 non-polymer 'MYRISTIC ACID'
4 non-polymer '(2S)-2-[3-(benzenecarbonyl)phenyl]propanoic acid'
5 non-polymer 1,2-ETHANEDIOL
6 non-polymer (R)-Ketoprofen
7 water water
#
_entity_poly.entity_id   1
_entity_poly.type   'polypeptide(L)'
_entity_poly.pdbx_seq_one_letter_code
;AHKSEVAHRFKDLGEENFKALVLIAFAQYLQQCPFEDHVKLVNEVTEFAKTCVADESAENCDKSLHTLFGDKLCTVATLR
ETYGEMADCCAKQEPERNECFLQHKDDNPNLPRLVRPEVDVMCTAFHDNEETFLKKYLYEIARRHPYFYAPELLFFAKRY
KAAFTECCQAADKAACLLPKLDELRDEGKASSAKQRLKCASLQKFGERAFKAWAVARLSQRFPKAEFAEVSKLVTDLTKV
HTECCHGDLLECADDRADLAKYICENQDSISSKLKECCEKPLLEKSHCIAEVENDEMPADLPSLAADFVESKDVCKNYAE
AKDVFLGMFLYEYARRHPDYSVVLLLRLAKTYETTLEKCCAAADPHECYAKVFDEFKPLVEEPQNLIKQNCELFEQLGEY
KFQNALLVRYTKKVPQVSTPTLVEVSRNLGKVGSKCCKHPEAKRMPCAEDYLSVVLNQLCVLHEKTPVSDRVTKCCTESL
VNRRPCFSALEVDETYVPKEFNAETFTFHADICTLSEKERQIKKQTALVELVKHKPKATKEQLKAVMDDFAAFVEKCCKA
DDKETCFAEEGKKLVAASQAALGL
;
_entity_poly.pdbx_strand_id   A
#
# COMPACT_ATOMS: atom_id res chain seq x y z
N HIS A 2 -8.39 32.63 -14.60
CA HIS A 2 -8.93 32.12 -15.89
C HIS A 2 -10.39 32.55 -16.05
N LYS A 3 -10.83 32.75 -17.30
CA LYS A 3 -12.21 33.15 -17.67
C LYS A 3 -13.15 31.94 -17.46
N SER A 4 -12.64 30.73 -17.71
CA SER A 4 -13.35 29.44 -17.48
C SER A 4 -12.39 28.38 -16.93
N GLU A 5 -12.63 27.92 -15.70
CA GLU A 5 -11.84 26.86 -15.01
C GLU A 5 -11.98 25.55 -15.78
N VAL A 6 -13.16 25.29 -16.33
CA VAL A 6 -13.49 24.06 -17.13
C VAL A 6 -12.52 24.00 -18.32
N ALA A 7 -12.60 25.03 -19.17
CA ALA A 7 -11.83 25.15 -20.44
C ALA A 7 -10.35 24.85 -20.17
N HIS A 8 -9.75 25.51 -19.18
CA HIS A 8 -8.30 25.43 -18.86
C HIS A 8 -7.92 24.00 -18.45
N ARG A 9 -8.75 23.36 -17.63
CA ARG A 9 -8.53 21.96 -17.14
C ARG A 9 -8.60 20.99 -18.33
N PHE A 10 -9.68 21.10 -19.13
CA PHE A 10 -9.88 20.31 -20.37
C PHE A 10 -8.63 20.46 -21.26
N LYS A 11 -8.24 21.71 -21.52
CA LYS A 11 -7.03 22.06 -22.33
C LYS A 11 -5.79 21.39 -21.73
N ASP A 12 -5.62 21.49 -20.41
CA ASP A 12 -4.46 20.94 -19.65
C ASP A 12 -4.41 19.42 -19.81
N LEU A 13 -5.54 18.73 -19.55
CA LEU A 13 -5.62 17.25 -19.42
C LEU A 13 -5.68 16.59 -20.81
N GLY A 14 -6.51 17.13 -21.70
CA GLY A 14 -6.88 16.50 -22.98
C GLY A 14 -8.20 15.76 -22.85
N GLU A 15 -8.92 15.57 -23.96
CA GLU A 15 -10.30 15.02 -23.98
C GLU A 15 -10.33 13.64 -23.30
N GLU A 16 -9.38 12.77 -23.65
CA GLU A 16 -9.29 11.37 -23.13
C GLU A 16 -9.16 11.40 -21.60
N ASN A 17 -8.07 11.97 -21.10
CA ASN A 17 -7.76 12.06 -19.65
C ASN A 17 -8.92 12.73 -18.89
N PHE A 18 -9.49 13.80 -19.47
CA PHE A 18 -10.64 14.55 -18.90
C PHE A 18 -11.84 13.61 -18.72
N LYS A 19 -12.29 12.98 -19.81
CA LYS A 19 -13.47 12.06 -19.82
C LYS A 19 -13.25 10.95 -18.78
N ALA A 20 -12.02 10.43 -18.71
CA ALA A 20 -11.60 9.34 -17.80
C ALA A 20 -11.71 9.78 -16.33
N LEU A 21 -11.13 10.92 -15.98
CA LEU A 21 -11.12 11.48 -14.60
C LEU A 21 -12.55 11.81 -14.14
N VAL A 22 -13.35 12.46 -14.99
CA VAL A 22 -14.76 12.81 -14.68
C VAL A 22 -15.53 11.51 -14.39
N LEU A 23 -15.25 10.45 -15.14
CA LEU A 23 -15.91 9.13 -14.98
C LEU A 23 -15.56 8.56 -13.59
N ILE A 24 -14.28 8.63 -13.21
CA ILE A 24 -13.80 8.12 -11.89
C ILE A 24 -14.48 8.96 -10.79
N ALA A 25 -14.46 10.29 -10.93
CA ALA A 25 -15.05 11.25 -9.96
C ALA A 25 -16.50 10.86 -9.66
N PHE A 26 -17.35 10.83 -10.69
CA PHE A 26 -18.80 10.54 -10.60
C PHE A 26 -19.03 9.14 -10.00
N ALA A 27 -18.20 8.17 -10.39
CA ALA A 27 -18.30 6.76 -9.95
C ALA A 27 -18.02 6.63 -8.44
N GLN A 28 -17.18 7.51 -7.89
CA GLN A 28 -16.73 7.48 -6.47
C GLN A 28 -17.81 8.10 -5.57
N TYR A 29 -18.59 9.06 -6.08
CA TYR A 29 -19.72 9.68 -5.34
C TYR A 29 -20.99 8.83 -5.55
N LEU A 30 -21.41 8.69 -6.81
CA LEU A 30 -22.64 7.96 -7.22
C LEU A 30 -22.29 6.48 -7.43
N GLN A 31 -21.99 5.78 -6.35
CA GLN A 31 -21.36 4.43 -6.35
C GLN A 31 -22.37 3.35 -6.76
N GLN A 32 -23.67 3.59 -6.55
CA GLN A 32 -24.74 2.57 -6.73
C GLN A 32 -25.34 2.65 -8.14
N CYS A 33 -25.07 3.72 -8.88
CA CYS A 33 -25.67 3.96 -10.23
C CYS A 33 -24.96 3.12 -11.28
N PRO A 34 -25.67 2.69 -12.35
CA PRO A 34 -25.08 1.86 -13.39
C PRO A 34 -24.14 2.61 -14.34
N PHE A 35 -23.25 1.87 -15.01
CA PHE A 35 -22.18 2.40 -15.90
C PHE A 35 -22.78 3.35 -16.94
N GLU A 36 -23.85 2.92 -17.64
CA GLU A 36 -24.51 3.66 -18.75
C GLU A 36 -24.90 5.06 -18.27
N ASP A 37 -25.37 5.18 -17.03
CA ASP A 37 -25.81 6.48 -16.42
C ASP A 37 -24.61 7.40 -16.27
N HIS A 38 -23.45 6.87 -15.87
CA HIS A 38 -22.18 7.63 -15.69
C HIS A 38 -21.66 8.12 -17.04
N VAL A 39 -21.66 7.25 -18.06
CA VAL A 39 -21.22 7.58 -19.44
C VAL A 39 -22.07 8.74 -19.96
N LYS A 40 -23.38 8.71 -19.68
CA LYS A 40 -24.34 9.80 -20.01
C LYS A 40 -23.85 11.11 -19.36
N LEU A 41 -23.56 11.08 -18.06
CA LEU A 41 -23.13 12.28 -17.26
C LEU A 41 -21.80 12.80 -17.82
N VAL A 42 -20.85 11.90 -18.08
CA VAL A 42 -19.47 12.25 -18.54
C VAL A 42 -19.55 12.92 -19.93
N ASN A 43 -20.36 12.36 -20.83
CA ASN A 43 -20.58 12.89 -22.21
C ASN A 43 -21.15 14.30 -22.12
N GLU A 44 -22.13 14.52 -21.21
CA GLU A 44 -22.79 15.83 -21.00
C GLU A 44 -21.76 16.85 -20.50
N VAL A 45 -20.98 16.48 -19.47
CA VAL A 45 -19.96 17.37 -18.83
C VAL A 45 -18.85 17.67 -19.83
N THR A 46 -18.57 16.76 -20.78
CA THR A 46 -17.50 16.89 -21.79
C THR A 46 -17.95 17.82 -22.92
N GLU A 47 -19.18 17.64 -23.43
CA GLU A 47 -19.77 18.55 -24.46
C GLU A 47 -19.76 19.98 -23.93
N PHE A 48 -20.17 20.18 -22.68
CA PHE A 48 -20.21 21.49 -21.99
C PHE A 48 -18.82 22.12 -21.95
N ALA A 49 -17.78 21.33 -21.66
CA ALA A 49 -16.37 21.77 -21.60
C ALA A 49 -15.91 22.22 -22.99
N LYS A 50 -16.26 21.44 -24.02
CA LYS A 50 -15.84 21.71 -25.43
C LYS A 50 -16.45 23.04 -25.90
N THR A 51 -17.70 23.31 -25.54
CA THR A 51 -18.45 24.54 -25.92
C THR A 51 -17.81 25.75 -25.23
N CYS A 52 -17.30 25.58 -24.00
CA CYS A 52 -16.60 26.63 -23.22
C CYS A 52 -15.22 26.90 -23.84
N VAL A 53 -14.48 25.84 -24.20
CA VAL A 53 -13.15 25.95 -24.89
C VAL A 53 -13.33 26.80 -26.14
N ALA A 54 -14.42 26.58 -26.88
CA ALA A 54 -14.78 27.34 -28.10
C ALA A 54 -15.11 28.79 -27.74
N ASP A 55 -16.11 28.99 -26.88
CA ASP A 55 -16.57 30.32 -26.39
C ASP A 55 -16.43 30.37 -24.86
N GLU A 56 -15.29 30.89 -24.38
CA GLU A 56 -14.93 30.95 -22.93
C GLU A 56 -15.84 31.96 -22.21
N SER A 57 -16.49 32.85 -22.95
CA SER A 57 -17.45 33.86 -22.43
C SER A 57 -18.90 33.38 -22.59
N ALA A 58 -19.11 32.08 -22.82
CA ALA A 58 -20.45 31.47 -23.01
C ALA A 58 -21.13 31.26 -21.66
N GLU A 59 -22.39 30.81 -21.66
CA GLU A 59 -23.23 30.66 -20.45
C GLU A 59 -22.64 29.60 -19.52
N ASN A 60 -22.55 29.90 -18.22
CA ASN A 60 -22.25 28.97 -17.10
C ASN A 60 -20.77 28.55 -17.09
N CYS A 61 -19.95 29.00 -18.05
CA CYS A 61 -18.54 28.54 -18.23
C CYS A 61 -17.64 29.16 -17.16
N ASP A 62 -18.04 30.29 -16.58
CA ASP A 62 -17.24 31.04 -15.57
C ASP A 62 -17.45 30.44 -14.17
N LYS A 63 -18.40 29.50 -14.02
CA LYS A 63 -18.71 28.81 -12.74
C LYS A 63 -17.51 27.96 -12.30
N SER A 64 -17.36 27.75 -10.99
CA SER A 64 -16.32 26.88 -10.38
C SER A 64 -16.57 25.42 -10.77
N LEU A 65 -15.51 24.62 -10.91
CA LEU A 65 -15.62 23.17 -11.22
C LEU A 65 -16.47 22.49 -10.14
N HIS A 66 -16.26 22.86 -8.88
CA HIS A 66 -17.04 22.38 -7.71
C HIS A 66 -18.54 22.64 -7.95
N THR A 67 -18.92 23.85 -8.36
CA THR A 67 -20.34 24.26 -8.59
C THR A 67 -20.94 23.41 -9.73
N LEU A 68 -20.20 23.26 -10.84
CA LEU A 68 -20.67 22.53 -12.06
C LEU A 68 -20.86 21.05 -11.74
N PHE A 69 -19.86 20.42 -11.12
CA PHE A 69 -19.86 18.98 -10.74
C PHE A 69 -21.05 18.73 -9.80
N GLY A 70 -21.13 19.48 -8.70
CA GLY A 70 -22.20 19.41 -7.70
C GLY A 70 -23.58 19.59 -8.32
N ASP A 71 -23.72 20.56 -9.23
CA ASP A 71 -24.98 20.86 -9.95
C ASP A 71 -25.41 19.64 -10.77
N LYS A 72 -24.44 18.97 -11.42
CA LYS A 72 -24.69 17.78 -12.28
C LYS A 72 -25.04 16.57 -11.41
N LEU A 73 -24.35 16.45 -10.27
CA LEU A 73 -24.58 15.40 -9.23
C LEU A 73 -26.05 15.44 -8.77
N CYS A 74 -26.62 16.65 -8.69
CA CYS A 74 -27.98 16.92 -8.12
C CYS A 74 -29.07 16.85 -9.19
N THR A 75 -28.70 16.65 -10.46
CA THR A 75 -29.63 16.39 -11.59
C THR A 75 -30.10 14.92 -11.54
N VAL A 76 -29.31 14.04 -10.90
CA VAL A 76 -29.49 12.57 -10.93
C VAL A 76 -30.87 12.22 -10.32
N ALA A 77 -31.72 11.55 -11.10
CA ALA A 77 -33.14 11.25 -10.79
C ALA A 77 -33.25 10.37 -9.53
N THR A 78 -32.38 9.37 -9.42
CA THR A 78 -32.45 8.28 -8.40
C THR A 78 -31.71 8.69 -7.11
N LEU A 79 -31.46 9.99 -6.90
CA LEU A 79 -30.56 10.50 -5.83
C LEU A 79 -31.14 10.14 -4.45
N ARG A 80 -32.30 10.71 -4.11
CA ARG A 80 -33.02 10.47 -2.83
C ARG A 80 -33.44 9.00 -2.77
N GLU A 81 -33.90 8.45 -3.89
CA GLU A 81 -34.34 7.03 -4.05
C GLU A 81 -33.23 6.08 -3.56
N THR A 82 -31.99 6.30 -4.01
CA THR A 82 -30.84 5.37 -3.80
C THR A 82 -30.05 5.79 -2.55
N TYR A 83 -29.99 7.10 -2.24
CA TYR A 83 -29.37 7.64 -1.00
C TYR A 83 -30.22 8.80 -0.46
N GLY A 84 -30.95 8.54 0.63
CA GLY A 84 -31.96 9.46 1.19
C GLY A 84 -31.38 10.81 1.57
N GLU A 85 -30.39 10.83 2.47
CA GLU A 85 -29.86 12.06 3.11
C GLU A 85 -28.68 12.63 2.29
N MET A 86 -28.39 12.06 1.12
CA MET A 86 -27.38 12.59 0.16
C MET A 86 -28.06 13.61 -0.76
N ALA A 87 -29.36 13.46 -0.99
CA ALA A 87 -30.20 14.44 -1.73
C ALA A 87 -30.38 15.71 -0.88
N ASP A 88 -30.21 15.60 0.44
CA ASP A 88 -30.27 16.75 1.39
C ASP A 88 -29.03 17.64 1.23
N CYS A 89 -27.93 17.09 0.67
CA CYS A 89 -26.68 17.85 0.35
C CYS A 89 -26.96 18.89 -0.74
N CYS A 90 -27.92 18.62 -1.62
CA CYS A 90 -28.26 19.46 -2.80
C CYS A 90 -28.97 20.76 -2.38
N ALA A 91 -29.45 20.83 -1.13
CA ALA A 91 -30.13 22.02 -0.56
C ALA A 91 -29.09 23.05 -0.08
N LYS A 92 -27.80 22.69 -0.11
CA LYS A 92 -26.68 23.49 0.46
C LYS A 92 -25.89 24.17 -0.65
N GLN A 93 -25.37 25.37 -0.37
CA GLN A 93 -24.39 26.09 -1.23
C GLN A 93 -23.01 25.44 -1.08
N GLU A 94 -22.11 25.69 -2.05
CA GLU A 94 -20.68 25.31 -1.93
C GLU A 94 -20.02 26.24 -0.91
N PRO A 95 -19.01 25.81 -0.14
CA PRO A 95 -18.45 24.45 -0.20
C PRO A 95 -19.06 23.45 0.79
N GLU A 96 -20.14 23.82 1.48
CA GLU A 96 -20.86 22.94 2.44
C GLU A 96 -21.43 21.73 1.68
N ARG A 97 -21.91 21.95 0.46
CA ARG A 97 -22.51 20.90 -0.40
C ARG A 97 -21.46 19.84 -0.73
N ASN A 98 -20.29 20.26 -1.21
CA ASN A 98 -19.16 19.35 -1.56
C ASN A 98 -18.71 18.58 -0.30
N GLU A 99 -18.56 19.28 0.82
CA GLU A 99 -18.21 18.68 2.13
C GLU A 99 -19.22 17.57 2.47
N CYS A 100 -20.51 17.90 2.38
CA CYS A 100 -21.68 16.99 2.58
C CYS A 100 -21.54 15.75 1.70
N PHE A 101 -21.19 15.94 0.43
CA PHE A 101 -21.03 14.86 -0.58
C PHE A 101 -19.86 13.94 -0.22
N LEU A 102 -18.77 14.52 0.29
CA LEU A 102 -17.54 13.76 0.69
C LEU A 102 -17.86 12.90 1.91
N GLN A 103 -18.73 13.38 2.80
CA GLN A 103 -19.08 12.72 4.08
C GLN A 103 -20.12 11.61 3.85
N HIS A 104 -20.65 11.47 2.63
CA HIS A 104 -21.67 10.46 2.26
C HIS A 104 -21.10 9.41 1.29
N LYS A 105 -19.79 9.43 1.04
CA LYS A 105 -19.08 8.35 0.29
C LYS A 105 -19.01 7.11 1.16
N ASP A 106 -19.39 5.94 0.65
CA ASP A 106 -19.43 4.67 1.43
C ASP A 106 -18.07 3.98 1.33
N ASP A 107 -17.29 4.00 2.43
CA ASP A 107 -15.89 3.51 2.51
C ASP A 107 -15.83 2.07 1.98
N ASN A 108 -16.75 1.22 2.47
CA ASN A 108 -17.00 -0.14 1.91
C ASN A 108 -18.45 -0.20 1.42
N PRO A 109 -18.68 -0.11 0.08
CA PRO A 109 -20.03 -0.29 -0.46
C PRO A 109 -20.42 -1.77 -0.43
N ASN A 110 -21.72 -2.05 -0.60
CA ASN A 110 -22.29 -3.42 -0.53
C ASN A 110 -22.43 -3.96 -1.97
N LEU A 111 -21.31 -4.03 -2.67
CA LEU A 111 -21.22 -4.48 -4.10
C LEU A 111 -20.60 -5.86 -4.15
N PRO A 112 -21.07 -6.75 -5.05
CA PRO A 112 -20.51 -8.10 -5.15
C PRO A 112 -19.02 -8.05 -5.49
N ARG A 113 -18.27 -9.06 -5.06
CA ARG A 113 -16.85 -9.29 -5.43
C ARG A 113 -16.71 -9.12 -6.95
N LEU A 114 -15.78 -8.26 -7.38
CA LEU A 114 -15.52 -8.02 -8.82
C LEU A 114 -14.75 -9.24 -9.37
N VAL A 115 -15.38 -10.01 -10.26
CA VAL A 115 -14.86 -11.29 -10.81
C VAL A 115 -14.04 -11.00 -12.07
N ARG A 116 -12.85 -11.61 -12.16
CA ARG A 116 -11.99 -11.55 -13.38
C ARG A 116 -12.52 -12.58 -14.37
N PRO A 117 -12.94 -12.18 -15.59
CA PRO A 117 -13.36 -13.16 -16.60
C PRO A 117 -12.17 -14.02 -17.07
N GLU A 118 -12.46 -15.03 -17.89
CA GLU A 118 -11.42 -15.90 -18.51
C GLU A 118 -10.60 -15.04 -19.47
N VAL A 119 -9.34 -15.43 -19.71
CA VAL A 119 -8.36 -14.69 -20.57
C VAL A 119 -8.96 -14.45 -21.96
N ASP A 120 -9.59 -15.48 -22.55
CA ASP A 120 -10.15 -15.40 -23.93
C ASP A 120 -11.33 -14.42 -23.96
N VAL A 121 -12.12 -14.36 -22.89
CA VAL A 121 -13.30 -13.44 -22.80
C VAL A 121 -12.78 -11.99 -22.70
N MET A 122 -11.79 -11.74 -21.83
CA MET A 122 -11.19 -10.40 -21.61
C MET A 122 -10.58 -9.91 -22.93
N CYS A 123 -9.77 -10.76 -23.57
CA CYS A 123 -9.03 -10.44 -24.82
C CYS A 123 -9.99 -10.17 -25.98
N THR A 124 -11.11 -10.91 -26.07
CA THR A 124 -12.17 -10.71 -27.10
C THR A 124 -12.90 -9.38 -26.83
N ALA A 125 -13.33 -9.16 -25.58
CA ALA A 125 -14.02 -7.92 -25.14
C ALA A 125 -13.12 -6.71 -25.44
N PHE A 126 -11.84 -6.81 -25.10
CA PHE A 126 -10.81 -5.77 -25.31
C PHE A 126 -10.68 -5.46 -26.81
N HIS A 127 -10.54 -6.50 -27.64
CA HIS A 127 -10.46 -6.38 -29.12
C HIS A 127 -11.74 -5.76 -29.68
N ASP A 128 -12.90 -6.33 -29.33
CA ASP A 128 -14.22 -6.01 -29.94
C ASP A 128 -14.67 -4.60 -29.51
N ASN A 129 -14.41 -4.21 -28.26
CA ASN A 129 -14.82 -2.90 -27.69
C ASN A 129 -13.85 -2.52 -26.58
N GLU A 130 -12.69 -1.97 -26.96
CA GLU A 130 -11.59 -1.61 -26.01
C GLU A 130 -12.09 -0.56 -25.02
N GLU A 131 -12.66 0.53 -25.52
CA GLU A 131 -13.02 1.70 -24.67
C GLU A 131 -14.05 1.25 -23.63
N THR A 132 -15.09 0.52 -24.03
CA THR A 132 -16.18 0.13 -23.09
C THR A 132 -15.62 -0.83 -22.03
N PHE A 133 -14.80 -1.80 -22.44
CA PHE A 133 -14.18 -2.83 -21.55
C PHE A 133 -13.27 -2.15 -20.53
N LEU A 134 -12.47 -1.17 -20.95
CA LEU A 134 -11.52 -0.45 -20.06
C LEU A 134 -12.31 0.49 -19.13
N LYS A 135 -13.26 1.24 -19.67
CA LYS A 135 -14.01 2.30 -18.93
C LYS A 135 -14.94 1.64 -17.91
N LYS A 136 -15.62 0.55 -18.27
CA LYS A 136 -16.55 -0.17 -17.36
C LYS A 136 -15.77 -0.66 -16.14
N TYR A 137 -14.58 -1.22 -16.35
CA TYR A 137 -13.74 -1.80 -15.26
C TYR A 137 -13.12 -0.65 -14.44
N LEU A 138 -12.76 0.47 -15.06
CA LEU A 138 -12.33 1.69 -14.34
C LEU A 138 -13.45 2.11 -13.38
N TYR A 139 -14.69 2.17 -13.89
CA TYR A 139 -15.92 2.51 -13.12
C TYR A 139 -16.14 1.50 -12.00
N GLU A 140 -15.95 0.21 -12.28
CA GLU A 140 -16.17 -0.91 -11.31
C GLU A 140 -15.16 -0.80 -10.16
N ILE A 141 -13.89 -0.52 -10.46
CA ILE A 141 -12.82 -0.31 -9.44
C ILE A 141 -13.12 0.98 -8.66
N ALA A 142 -13.32 2.09 -9.39
CA ALA A 142 -13.56 3.44 -8.82
C ALA A 142 -14.66 3.39 -7.77
N ARG A 143 -15.80 2.78 -8.09
CA ARG A 143 -17.01 2.77 -7.21
C ARG A 143 -16.76 1.93 -5.95
N ARG A 144 -15.81 0.99 -6.01
CA ARG A 144 -15.45 0.08 -4.88
C ARG A 144 -14.35 0.71 -4.03
N HIS A 145 -13.70 1.75 -4.54
CA HIS A 145 -12.56 2.45 -3.89
C HIS A 145 -12.73 3.96 -4.07
N PRO A 146 -13.77 4.56 -3.44
CA PRO A 146 -14.14 5.96 -3.70
C PRO A 146 -13.15 6.99 -3.15
N TYR A 147 -12.20 6.56 -2.32
CA TYR A 147 -11.14 7.41 -1.71
C TYR A 147 -9.80 7.18 -2.42
N PHE A 148 -9.76 6.34 -3.46
CA PHE A 148 -8.55 6.10 -4.29
C PHE A 148 -8.33 7.32 -5.17
N TYR A 149 -7.14 7.92 -5.09
CA TYR A 149 -6.77 9.16 -5.84
C TYR A 149 -6.95 8.89 -7.34
N ALA A 150 -7.89 9.61 -7.97
CA ALA A 150 -8.38 9.38 -9.35
C ALA A 150 -7.23 9.36 -10.36
N PRO A 151 -6.28 10.33 -10.34
CA PRO A 151 -5.13 10.29 -11.25
C PRO A 151 -4.31 8.98 -11.15
N GLU A 152 -3.98 8.57 -9.92
CA GLU A 152 -3.25 7.29 -9.64
C GLU A 152 -4.02 6.13 -10.26
N LEU A 153 -5.34 6.10 -10.08
CA LEU A 153 -6.25 5.05 -10.63
C LEU A 153 -6.20 5.09 -12.17
N LEU A 154 -6.09 6.28 -12.74
CA LEU A 154 -5.96 6.50 -14.21
C LEU A 154 -4.65 5.88 -14.71
N PHE A 155 -3.58 5.96 -13.92
CA PHE A 155 -2.24 5.39 -14.26
C PHE A 155 -2.33 3.86 -14.35
N PHE A 156 -2.99 3.22 -13.37
CA PHE A 156 -3.22 1.75 -13.35
C PHE A 156 -4.03 1.34 -14.58
N ALA A 157 -5.08 2.08 -14.90
CA ALA A 157 -5.97 1.85 -16.08
C ALA A 157 -5.12 1.78 -17.36
N LYS A 158 -4.10 2.63 -17.45
CA LYS A 158 -3.20 2.75 -18.65
C LYS A 158 -2.23 1.56 -18.68
N ARG A 159 -1.71 1.16 -17.50
CA ARG A 159 -0.80 -0.01 -17.35
C ARG A 159 -1.56 -1.30 -17.63
N TYR A 160 -2.85 -1.35 -17.28
CA TYR A 160 -3.77 -2.47 -17.60
C TYR A 160 -3.97 -2.52 -19.12
N LYS A 161 -4.22 -1.37 -19.76
CA LYS A 161 -4.39 -1.27 -21.24
C LYS A 161 -3.14 -1.81 -21.94
N ALA A 162 -1.96 -1.55 -21.37
CA ALA A 162 -0.65 -1.96 -21.93
C ALA A 162 -0.53 -3.48 -21.88
N ALA A 163 -0.88 -4.09 -20.73
CA ALA A 163 -0.81 -5.55 -20.48
C ALA A 163 -1.65 -6.31 -21.51
N PHE A 164 -2.89 -5.86 -21.74
CA PHE A 164 -3.83 -6.45 -22.73
C PHE A 164 -3.28 -6.31 -24.15
N THR A 165 -2.81 -5.10 -24.50
CA THR A 165 -2.29 -4.77 -25.85
C THR A 165 -1.16 -5.74 -26.23
N GLU A 166 -0.28 -6.05 -25.26
CA GLU A 166 0.91 -6.92 -25.43
C GLU A 166 0.47 -8.38 -25.58
N CYS A 167 -0.37 -8.87 -24.66
CA CYS A 167 -0.57 -10.31 -24.37
C CYS A 167 -1.70 -10.93 -25.19
N CYS A 168 -2.71 -10.15 -25.59
CA CYS A 168 -3.89 -10.68 -26.34
C CYS A 168 -3.53 -10.98 -27.80
N GLN A 169 -2.29 -10.70 -28.21
CA GLN A 169 -1.73 -11.07 -29.55
C GLN A 169 -0.62 -12.12 -29.37
N ALA A 170 -0.35 -12.55 -28.12
CA ALA A 170 0.72 -13.51 -27.77
C ALA A 170 0.28 -14.93 -28.12
N ALA A 171 1.24 -15.83 -28.36
CA ALA A 171 1.03 -17.27 -28.61
C ALA A 171 0.32 -17.89 -27.39
N ASP A 172 0.93 -17.77 -26.22
CA ASP A 172 0.34 -18.17 -24.90
C ASP A 172 -0.14 -16.90 -24.18
N LYS A 173 -1.45 -16.60 -24.29
CA LYS A 173 -2.07 -15.34 -23.78
C LYS A 173 -2.11 -15.35 -22.26
N ALA A 174 -2.65 -16.41 -21.66
CA ALA A 174 -2.81 -16.59 -20.19
C ALA A 174 -1.45 -16.49 -19.50
N ALA A 175 -0.41 -17.06 -20.10
CA ALA A 175 0.97 -17.09 -19.57
C ALA A 175 1.57 -15.68 -19.58
N CYS A 176 1.22 -14.88 -20.59
CA CYS A 176 1.68 -13.47 -20.76
C CYS A 176 0.91 -12.56 -19.79
N LEU A 177 -0.42 -12.70 -19.74
CA LEU A 177 -1.36 -11.69 -19.20
C LEU A 177 -1.53 -11.85 -17.68
N LEU A 178 -1.87 -13.05 -17.21
CA LEU A 178 -2.32 -13.31 -15.81
C LEU A 178 -1.23 -12.95 -14.81
N PRO A 179 0.06 -13.26 -15.05
CA PRO A 179 1.13 -12.75 -14.20
C PRO A 179 1.15 -11.22 -14.09
N LYS A 180 0.95 -10.51 -15.20
CA LYS A 180 0.94 -9.03 -15.23
C LYS A 180 -0.29 -8.50 -14.47
N LEU A 181 -1.46 -9.11 -14.68
CA LEU A 181 -2.73 -8.66 -14.04
C LEU A 181 -2.66 -8.91 -12.53
N ASP A 182 -1.96 -9.97 -12.10
CA ASP A 182 -1.74 -10.34 -10.68
C ASP A 182 -0.87 -9.27 -10.02
N GLU A 183 0.21 -8.87 -10.70
CA GLU A 183 1.19 -7.84 -10.24
C GLU A 183 0.47 -6.50 -10.07
N LEU A 184 -0.33 -6.10 -11.08
CA LEU A 184 -1.01 -4.78 -11.10
C LEU A 184 -2.12 -4.74 -10.05
N ARG A 185 -2.82 -5.85 -9.85
CA ARG A 185 -3.84 -6.03 -8.78
C ARG A 185 -3.16 -5.87 -7.41
N ASP A 186 -1.96 -6.43 -7.25
CA ASP A 186 -1.20 -6.43 -5.97
C ASP A 186 -0.59 -5.04 -5.72
N GLU A 187 -0.18 -4.34 -6.78
CA GLU A 187 0.31 -2.94 -6.71
C GLU A 187 -0.88 -2.00 -6.44
N GLY A 188 -2.03 -2.26 -7.05
CA GLY A 188 -3.26 -1.46 -6.86
C GLY A 188 -3.74 -1.52 -5.43
N LYS A 189 -3.73 -2.72 -4.83
CA LYS A 189 -4.15 -2.95 -3.42
C LYS A 189 -3.17 -2.24 -2.48
N ALA A 190 -1.86 -2.40 -2.75
CA ALA A 190 -0.76 -1.77 -1.98
C ALA A 190 -0.96 -0.25 -1.94
N SER A 191 -1.36 0.33 -3.08
CA SER A 191 -1.56 1.80 -3.25
C SER A 191 -2.70 2.27 -2.34
N SER A 192 -3.87 1.63 -2.44
CA SER A 192 -5.08 1.93 -1.64
C SER A 192 -4.76 1.80 -0.15
N ALA A 193 -4.08 0.71 0.23
CA ALA A 193 -3.63 0.41 1.61
C ALA A 193 -2.66 1.50 2.07
N LYS A 194 -1.79 1.97 1.17
CA LYS A 194 -0.77 3.02 1.45
C LYS A 194 -1.48 4.35 1.74
N GLN A 195 -2.45 4.70 0.89
CA GLN A 195 -3.27 5.95 1.02
C GLN A 195 -3.99 5.93 2.36
N ARG A 196 -4.64 4.81 2.70
CA ARG A 196 -5.37 4.63 3.99
C ARG A 196 -4.42 4.87 5.16
N LEU A 197 -3.32 4.11 5.21
CA LEU A 197 -2.29 4.16 6.29
C LEU A 197 -1.80 5.60 6.47
N LYS A 198 -1.40 6.25 5.39
CA LYS A 198 -0.81 7.62 5.38
C LYS A 198 -1.77 8.60 6.07
N CYS A 199 -3.06 8.56 5.70
CA CYS A 199 -4.11 9.50 6.18
C CYS A 199 -4.56 9.13 7.60
N ALA A 200 -4.74 7.83 7.87
CA ALA A 200 -5.05 7.28 9.21
C ALA A 200 -3.95 7.71 10.20
N SER A 201 -2.69 7.66 9.74
CA SER A 201 -1.49 8.04 10.53
C SER A 201 -1.52 9.54 10.86
N LEU A 202 -1.87 10.38 9.88
CA LEU A 202 -1.93 11.86 10.03
C LEU A 202 -3.02 12.24 11.03
N GLN A 203 -4.25 11.75 10.80
CA GLN A 203 -5.44 11.99 11.66
C GLN A 203 -5.13 11.63 13.11
N LYS A 204 -4.39 10.53 13.33
CA LYS A 204 -4.10 9.96 14.67
C LYS A 204 -2.94 10.71 15.33
N PHE A 205 -1.74 10.65 14.73
CA PHE A 205 -0.44 11.06 15.35
C PHE A 205 -0.15 12.55 15.10
N GLY A 206 -0.73 13.14 14.04
CA GLY A 206 -0.77 14.61 13.84
C GLY A 206 0.32 15.13 12.93
N GLU A 207 0.29 16.45 12.67
CA GLU A 207 1.18 17.16 11.72
C GLU A 207 2.65 17.06 12.17
N ARG A 208 2.90 17.15 13.48
CA ARG A 208 4.26 17.09 14.07
C ARG A 208 4.89 15.73 13.73
N ALA A 209 4.21 14.64 14.14
CA ALA A 209 4.63 13.25 13.91
C ALA A 209 4.96 13.05 12.43
N PHE A 210 4.13 13.59 11.53
CA PHE A 210 4.32 13.49 10.06
C PHE A 210 5.62 14.20 9.65
N LYS A 211 5.81 15.44 10.12
CA LYS A 211 6.98 16.29 9.77
C LYS A 211 8.27 15.50 9.98
N ALA A 212 8.36 14.72 11.07
CA ALA A 212 9.50 13.83 11.41
C ALA A 212 9.71 12.80 10.30
N TRP A 213 8.63 12.17 9.83
CA TRP A 213 8.65 11.18 8.72
C TRP A 213 9.20 11.83 7.45
N ALA A 214 8.63 12.98 7.06
CA ALA A 214 8.91 13.68 5.79
C ALA A 214 10.37 14.14 5.76
N VAL A 215 10.87 14.70 6.87
CA VAL A 215 12.29 15.13 7.01
C VAL A 215 13.18 13.95 6.61
N ALA A 216 13.00 12.80 7.27
CA ALA A 216 13.75 11.55 7.01
C ALA A 216 13.64 11.19 5.52
N ARG A 217 12.42 11.00 5.01
CA ARG A 217 12.18 10.56 3.61
C ARG A 217 12.82 11.55 2.64
N LEU A 218 12.50 12.85 2.75
CA LEU A 218 12.94 13.88 1.78
C LEU A 218 14.48 14.00 1.81
N SER A 219 15.09 13.78 2.97
CA SER A 219 16.56 13.90 3.18
C SER A 219 17.29 12.74 2.48
N GLN A 220 16.68 11.55 2.49
CA GLN A 220 17.18 10.34 1.76
C GLN A 220 17.08 10.59 0.25
N ARG A 221 16.00 11.20 -0.21
CA ARG A 221 15.69 11.40 -1.66
C ARG A 221 16.58 12.52 -2.23
N PHE A 222 16.73 13.61 -1.48
CA PHE A 222 17.44 14.85 -1.89
C PHE A 222 18.56 15.16 -0.89
N PRO A 223 19.61 14.31 -0.79
CA PRO A 223 20.70 14.55 0.16
C PRO A 223 21.56 15.77 -0.17
N LYS A 224 21.57 16.21 -1.43
CA LYS A 224 22.36 17.38 -1.91
C LYS A 224 21.65 18.69 -1.57
N ALA A 225 20.41 18.64 -1.08
CA ALA A 225 19.60 19.81 -0.69
C ALA A 225 19.98 20.28 0.73
N GLU A 226 19.95 21.60 0.97
CA GLU A 226 20.18 22.23 2.29
C GLU A 226 19.00 21.93 3.22
N PHE A 227 19.24 21.89 4.53
CA PHE A 227 18.23 21.62 5.59
C PHE A 227 17.08 22.62 5.49
N ALA A 228 17.36 23.85 5.06
CA ALA A 228 16.36 24.92 4.81
C ALA A 228 15.38 24.46 3.72
N GLU A 229 15.91 24.08 2.54
CA GLU A 229 15.12 23.65 1.36
C GLU A 229 14.28 22.41 1.71
N VAL A 230 14.86 21.46 2.44
CA VAL A 230 14.16 20.24 2.94
C VAL A 230 12.97 20.70 3.79
N SER A 231 13.25 21.50 4.82
CA SER A 231 12.25 22.02 5.79
C SER A 231 11.10 22.71 5.05
N LYS A 232 11.42 23.52 4.03
CA LYS A 232 10.44 24.25 3.18
C LYS A 232 9.50 23.24 2.50
N LEU A 233 10.08 22.20 1.85
CA LEU A 233 9.32 21.12 1.18
C LEU A 233 8.50 20.34 2.21
N VAL A 234 9.07 20.06 3.39
CA VAL A 234 8.37 19.36 4.51
C VAL A 234 7.09 20.13 4.85
N THR A 235 7.16 21.46 4.88
CA THR A 235 6.01 22.36 5.19
C THR A 235 4.96 22.23 4.09
N ASP A 236 5.35 22.50 2.84
CA ASP A 236 4.46 22.41 1.65
C ASP A 236 3.78 21.04 1.62
N LEU A 237 4.59 19.96 1.64
CA LEU A 237 4.13 18.55 1.56
C LEU A 237 3.06 18.27 2.64
N THR A 238 3.22 18.86 3.84
CA THR A 238 2.26 18.72 4.97
C THR A 238 0.89 19.27 4.55
N LYS A 239 0.86 20.45 3.93
CA LYS A 239 -0.38 21.08 3.40
C LYS A 239 -0.99 20.15 2.34
N VAL A 240 -0.16 19.66 1.42
CA VAL A 240 -0.55 18.74 0.31
C VAL A 240 -1.17 17.47 0.91
N HIS A 241 -0.61 16.99 2.04
CA HIS A 241 -0.99 15.70 2.67
C HIS A 241 -2.29 15.85 3.47
N THR A 242 -2.44 16.95 4.23
CA THR A 242 -3.63 17.24 5.07
C THR A 242 -4.86 17.40 4.17
N GLU A 243 -4.73 18.20 3.11
CA GLU A 243 -5.62 18.17 1.92
C GLU A 243 -5.24 16.91 1.13
N CYS A 244 -6.13 16.38 0.30
CA CYS A 244 -6.04 15.00 -0.26
C CYS A 244 -6.66 14.03 0.75
N CYS A 245 -6.12 13.98 1.97
CA CYS A 245 -6.63 13.17 3.10
C CYS A 245 -8.00 13.67 3.55
N HIS A 246 -8.34 14.92 3.22
CA HIS A 246 -9.69 15.51 3.42
C HIS A 246 -10.65 14.93 2.36
N GLY A 247 -10.13 14.62 1.18
CA GLY A 247 -10.80 13.74 0.20
C GLY A 247 -11.24 14.43 -1.07
N ASP A 248 -11.08 15.76 -1.17
CA ASP A 248 -11.48 16.52 -2.38
C ASP A 248 -10.42 16.30 -3.47
N LEU A 249 -10.86 15.91 -4.67
CA LEU A 249 -9.98 15.60 -5.82
C LEU A 249 -9.31 16.89 -6.34
N LEU A 250 -10.09 17.96 -6.49
CA LEU A 250 -9.62 19.23 -7.12
C LEU A 250 -8.58 19.91 -6.24
N GLU A 251 -8.86 20.06 -4.94
CA GLU A 251 -7.93 20.68 -3.96
C GLU A 251 -6.62 19.90 -3.96
N CYS A 252 -6.70 18.57 -3.84
CA CYS A 252 -5.55 17.63 -3.79
C CYS A 252 -4.73 17.77 -5.07
N ALA A 253 -5.38 17.68 -6.23
CA ALA A 253 -4.78 17.78 -7.57
C ALA A 253 -4.01 19.11 -7.67
N ASP A 254 -4.68 20.23 -7.38
CA ASP A 254 -4.11 21.61 -7.41
C ASP A 254 -2.85 21.66 -6.54
N ASP A 255 -2.94 21.18 -5.30
CA ASP A 255 -1.85 21.26 -4.28
C ASP A 255 -0.63 20.46 -4.77
N ARG A 256 -0.86 19.24 -5.28
CA ARG A 256 0.21 18.38 -5.85
C ARG A 256 0.81 19.07 -7.08
N ALA A 257 -0.04 19.64 -7.94
CA ALA A 257 0.36 20.38 -9.16
C ALA A 257 1.22 21.59 -8.78
N ASP A 258 0.76 22.40 -7.82
CA ASP A 258 1.44 23.63 -7.33
C ASP A 258 2.83 23.26 -6.77
N LEU A 259 2.91 22.23 -5.94
CA LEU A 259 4.18 21.76 -5.31
C LEU A 259 5.15 21.28 -6.39
N ALA A 260 4.66 20.50 -7.36
CA ALA A 260 5.43 19.94 -8.48
C ALA A 260 6.06 21.07 -9.30
N LYS A 261 5.28 22.13 -9.58
CA LYS A 261 5.75 23.34 -10.31
C LYS A 261 6.95 23.92 -9.57
N TYR A 262 6.80 24.19 -8.27
CA TYR A 262 7.85 24.81 -7.41
C TYR A 262 9.11 23.95 -7.44
N ILE A 263 8.96 22.64 -7.23
CA ILE A 263 10.08 21.64 -7.19
C ILE A 263 10.85 21.72 -8.50
N CYS A 264 10.15 21.81 -9.64
CA CYS A 264 10.72 21.79 -11.02
C CYS A 264 11.33 23.15 -11.37
N GLU A 265 10.79 24.24 -10.82
CA GLU A 265 11.31 25.62 -11.03
C GLU A 265 12.57 25.82 -10.17
N ASN A 266 12.77 24.98 -9.15
CA ASN A 266 13.91 25.08 -8.19
C ASN A 266 14.63 23.72 -8.11
N GLN A 267 14.90 23.10 -9.26
CA GLN A 267 15.55 21.77 -9.35
C GLN A 267 16.96 21.81 -8.74
N ASP A 268 17.72 22.87 -9.03
CA ASP A 268 19.18 22.99 -8.74
C ASP A 268 19.42 22.98 -7.21
N SER A 269 18.44 23.43 -6.43
CA SER A 269 18.49 23.51 -4.95
C SER A 269 17.94 22.25 -4.30
N ILE A 270 17.48 21.26 -5.08
CA ILE A 270 16.78 20.04 -4.58
C ILE A 270 17.50 18.78 -5.09
N SER A 271 17.45 18.49 -6.39
CA SER A 271 18.00 17.25 -6.99
C SER A 271 18.21 17.37 -8.50
N SER A 272 19.13 16.54 -9.02
CA SER A 272 19.55 16.47 -10.44
C SER A 272 18.77 15.38 -11.19
N LYS A 273 18.01 14.56 -10.46
CA LYS A 273 17.24 13.40 -11.03
C LYS A 273 15.85 13.85 -11.45
N LEU A 274 15.48 15.11 -11.17
CA LEU A 274 14.15 15.68 -11.47
C LEU A 274 14.05 16.16 -12.93
N LYS A 275 15.16 16.17 -13.66
CA LYS A 275 15.28 16.73 -15.05
C LYS A 275 14.14 16.19 -15.92
N GLU A 276 14.11 14.88 -16.14
CA GLU A 276 13.17 14.21 -17.08
C GLU A 276 11.75 14.29 -16.50
N CYS A 277 11.58 14.02 -15.20
CA CYS A 277 10.30 14.12 -14.46
C CYS A 277 9.62 15.48 -14.73
N CYS A 278 10.41 16.55 -14.81
CA CYS A 278 9.94 17.95 -14.91
C CYS A 278 9.77 18.38 -16.36
N GLU A 279 9.99 17.46 -17.31
CA GLU A 279 9.67 17.66 -18.76
C GLU A 279 8.34 16.96 -19.08
N LYS A 280 7.79 16.17 -18.15
CA LYS A 280 6.56 15.36 -18.34
C LYS A 280 5.32 16.24 -18.12
N PRO A 281 4.13 15.83 -18.65
CA PRO A 281 2.91 16.62 -18.49
C PRO A 281 2.42 16.66 -17.03
N LEU A 282 1.50 17.60 -16.75
CA LEU A 282 1.05 17.99 -15.38
C LEU A 282 0.73 16.75 -14.54
N LEU A 283 -0.15 15.88 -15.04
CA LEU A 283 -0.67 14.70 -14.31
C LEU A 283 0.48 13.75 -13.96
N GLU A 284 1.42 13.58 -14.89
CA GLU A 284 2.54 12.60 -14.80
C GLU A 284 3.68 13.21 -13.99
N LYS A 285 3.74 14.55 -13.93
CA LYS A 285 4.82 15.34 -13.30
C LYS A 285 4.95 14.95 -11.82
N SER A 286 3.85 15.05 -11.07
CA SER A 286 3.80 14.80 -9.61
C SER A 286 4.09 13.32 -9.31
N HIS A 287 3.54 12.41 -10.13
CA HIS A 287 3.71 10.94 -10.01
C HIS A 287 5.19 10.57 -10.22
N CYS A 288 5.80 11.14 -11.27
CA CYS A 288 7.22 10.93 -11.63
C CYS A 288 8.10 11.38 -10.46
N ILE A 289 7.92 12.63 -10.01
CA ILE A 289 8.64 13.23 -8.84
C ILE A 289 8.51 12.29 -7.65
N ALA A 290 7.29 11.82 -7.37
CA ALA A 290 6.96 10.92 -6.25
C ALA A 290 7.76 9.63 -6.34
N GLU A 291 7.98 9.11 -7.56
CA GLU A 291 8.69 7.83 -7.81
C GLU A 291 10.06 8.11 -8.47
N VAL A 292 10.76 9.16 -8.03
CA VAL A 292 12.06 9.58 -8.62
C VAL A 292 13.21 8.95 -7.81
N GLU A 293 14.33 8.69 -8.48
CA GLU A 293 15.53 8.02 -7.91
C GLU A 293 16.16 8.90 -6.83
N ASN A 294 16.78 8.28 -5.82
CA ASN A 294 17.64 8.96 -4.81
C ASN A 294 18.78 9.67 -5.53
N ASP A 295 18.98 10.96 -5.24
CA ASP A 295 20.12 11.76 -5.75
C ASP A 295 21.38 11.31 -5.01
N GLU A 296 22.54 11.32 -5.69
CA GLU A 296 23.86 10.93 -5.10
C GLU A 296 24.12 11.83 -3.88
N MET A 297 24.55 11.25 -2.76
CA MET A 297 24.82 12.02 -1.51
C MET A 297 26.12 12.80 -1.68
N PRO A 298 26.23 14.02 -1.10
CA PRO A 298 27.44 14.84 -1.25
C PRO A 298 28.73 14.06 -0.95
N ALA A 299 29.76 14.28 -1.76
CA ALA A 299 31.07 13.60 -1.68
C ALA A 299 31.73 13.92 -0.33
N ASP A 300 31.90 15.21 -0.03
CA ASP A 300 32.58 15.72 1.19
C ASP A 300 31.53 15.95 2.27
N LEU A 301 31.36 14.99 3.19
CA LEU A 301 30.44 15.10 4.36
C LEU A 301 31.17 14.64 5.63
N PRO A 302 31.11 15.42 6.74
CA PRO A 302 31.71 15.01 8.00
C PRO A 302 30.89 13.96 8.77
N SER A 303 31.43 13.48 9.89
CA SER A 303 30.77 12.53 10.81
C SER A 303 29.85 13.30 11.77
N LEU A 304 28.64 12.78 12.00
CA LEU A 304 27.61 13.39 12.88
C LEU A 304 28.17 13.57 14.30
N ALA A 305 29.03 12.65 14.74
CA ALA A 305 29.73 12.70 16.05
C ALA A 305 30.18 14.13 16.35
N ALA A 306 30.73 14.81 15.34
CA ALA A 306 31.26 16.20 15.43
C ALA A 306 30.20 17.14 16.03
N ASP A 307 29.09 17.33 15.33
CA ASP A 307 28.07 18.36 15.68
C ASP A 307 27.00 17.81 16.62
N PHE A 308 26.92 16.50 16.84
CA PHE A 308 25.81 15.91 17.64
C PHE A 308 26.33 15.24 18.92
N VAL A 309 27.66 15.14 19.11
CA VAL A 309 28.24 14.72 20.42
C VAL A 309 29.32 15.73 20.84
N GLU A 310 30.37 15.90 20.03
CA GLU A 310 31.61 16.61 20.42
C GLU A 310 31.36 18.12 20.56
N SER A 311 30.46 18.71 19.77
CA SER A 311 30.24 20.18 19.74
C SER A 311 30.04 20.72 21.15
N LYS A 312 30.58 21.91 21.43
CA LYS A 312 30.38 22.63 22.70
C LYS A 312 28.88 22.86 22.92
N ASP A 313 28.16 23.25 21.87
CA ASP A 313 26.80 23.86 21.96
C ASP A 313 25.71 22.81 21.70
N VAL A 314 26.00 21.52 21.92
CA VAL A 314 25.04 20.40 21.66
C VAL A 314 23.77 20.64 22.49
N CYS A 315 23.92 20.77 23.82
CA CYS A 315 22.81 20.94 24.78
C CYS A 315 22.18 22.34 24.65
N LYS A 316 22.98 23.34 24.24
CA LYS A 316 22.49 24.72 23.97
C LYS A 316 21.51 24.68 22.79
N ASN A 317 21.88 23.95 21.73
CA ASN A 317 21.09 23.84 20.47
C ASN A 317 19.77 23.10 20.74
N TYR A 318 19.83 22.01 21.50
CA TYR A 318 18.65 21.18 21.88
C TYR A 318 17.71 22.01 22.76
N ALA A 319 18.25 22.89 23.60
CA ALA A 319 17.49 23.78 24.51
C ALA A 319 16.79 24.87 23.70
N GLU A 320 17.54 25.61 22.89
CA GLU A 320 17.07 26.73 22.03
C GLU A 320 15.82 26.28 21.24
N ALA A 321 15.93 25.19 20.49
CA ALA A 321 14.86 24.65 19.60
C ALA A 321 15.00 23.13 19.46
N LYS A 322 14.26 22.39 20.30
CA LYS A 322 14.29 20.90 20.37
C LYS A 322 13.95 20.29 19.00
N ASP A 323 12.71 20.52 18.53
CA ASP A 323 12.14 19.92 17.31
C ASP A 323 13.06 20.19 16.12
N VAL A 324 13.56 21.43 16.00
CA VAL A 324 14.45 21.88 14.87
C VAL A 324 15.76 21.10 14.93
N PHE A 325 16.34 20.96 16.12
CA PHE A 325 17.65 20.27 16.35
C PHE A 325 17.51 18.78 16.03
N LEU A 326 16.49 18.12 16.59
CA LEU A 326 16.15 16.70 16.27
C LEU A 326 15.80 16.60 14.77
N GLY A 327 15.22 17.66 14.21
CA GLY A 327 14.98 17.81 12.76
C GLY A 327 16.27 17.77 11.98
N MET A 328 17.30 18.47 12.45
CA MET A 328 18.65 18.50 11.82
C MET A 328 19.32 17.13 11.95
N PHE A 329 19.13 16.47 13.10
CA PHE A 329 19.71 15.13 13.38
C PHE A 329 19.17 14.13 12.34
N LEU A 330 17.86 14.07 12.17
CA LEU A 330 17.18 13.21 11.15
C LEU A 330 17.75 13.55 9.76
N TYR A 331 17.82 14.84 9.43
CA TYR A 331 18.28 15.35 8.11
C TYR A 331 19.70 14.86 7.80
N GLU A 332 20.61 14.96 8.78
CA GLU A 332 22.05 14.62 8.59
C GLU A 332 22.21 13.11 8.48
N TYR A 333 21.53 12.34 9.34
CA TYR A 333 21.61 10.86 9.43
C TYR A 333 20.95 10.22 8.20
N ALA A 334 19.73 10.69 7.88
CA ALA A 334 18.86 10.15 6.81
C ALA A 334 19.55 10.31 5.45
N ARG A 335 20.15 11.49 5.20
CA ARG A 335 20.75 11.83 3.87
C ARG A 335 22.03 11.00 3.66
N ARG A 336 22.69 10.59 4.75
CA ARG A 336 23.89 9.70 4.72
C ARG A 336 23.46 8.22 4.60
N HIS A 337 22.18 7.90 4.79
CA HIS A 337 21.66 6.51 4.88
C HIS A 337 20.33 6.34 4.16
N PRO A 338 20.32 6.35 2.81
CA PRO A 338 19.15 5.92 2.06
C PRO A 338 18.91 4.40 2.19
N ASP A 339 19.92 3.68 2.71
CA ASP A 339 19.90 2.21 2.96
C ASP A 339 19.03 1.87 4.18
N TYR A 340 18.60 2.87 4.97
CA TYR A 340 17.83 2.69 6.22
C TYR A 340 16.34 2.90 5.95
N SER A 341 15.50 2.12 6.63
CA SER A 341 14.04 2.36 6.74
C SER A 341 13.83 3.68 7.50
N VAL A 342 12.77 4.42 7.16
CA VAL A 342 12.44 5.72 7.81
C VAL A 342 12.20 5.47 9.31
N VAL A 343 11.49 4.40 9.66
CA VAL A 343 11.17 4.04 11.08
C VAL A 343 12.47 3.78 11.85
N LEU A 344 13.46 3.16 11.23
CA LEU A 344 14.79 2.92 11.87
C LEU A 344 15.40 4.28 12.23
N LEU A 345 15.37 5.24 11.30
CA LEU A 345 15.92 6.60 11.48
C LEU A 345 15.20 7.30 12.64
N LEU A 346 13.89 7.09 12.77
CA LEU A 346 13.06 7.69 13.86
C LEU A 346 13.46 7.11 15.22
N ARG A 347 13.83 5.82 15.26
CA ARG A 347 14.31 5.13 16.49
C ARG A 347 15.61 5.77 16.96
N LEU A 348 16.54 6.04 16.04
CA LEU A 348 17.86 6.68 16.32
C LEU A 348 17.62 8.11 16.86
N ALA A 349 16.69 8.84 16.23
CA ALA A 349 16.29 10.22 16.59
C ALA A 349 15.64 10.22 17.98
N LYS A 350 14.72 9.28 18.21
CA LYS A 350 14.01 9.09 19.51
C LYS A 350 15.04 8.72 20.59
N THR A 351 15.99 7.84 20.27
CA THR A 351 17.06 7.38 21.20
C THR A 351 17.98 8.56 21.53
N TYR A 352 18.38 9.32 20.50
CA TYR A 352 19.24 10.53 20.63
C TYR A 352 18.53 11.58 21.50
N GLU A 353 17.23 11.77 21.29
CA GLU A 353 16.37 12.71 22.08
C GLU A 353 16.43 12.33 23.56
N THR A 354 16.08 11.07 23.87
CA THR A 354 16.04 10.50 25.24
C THR A 354 17.41 10.67 25.92
N THR A 355 18.50 10.54 25.15
CA THR A 355 19.91 10.69 25.63
C THR A 355 20.16 12.14 26.05
N LEU A 356 19.79 13.10 25.19
CA LEU A 356 20.00 14.56 25.43
C LEU A 356 19.15 15.00 26.64
N GLU A 357 17.92 14.52 26.74
CA GLU A 357 16.97 14.80 27.86
C GLU A 357 17.66 14.54 29.20
N LYS A 358 18.28 13.36 29.35
CA LYS A 358 18.91 12.86 30.60
C LYS A 358 20.22 13.64 30.84
N CYS A 359 21.07 13.70 29.83
CA CYS A 359 22.50 14.12 29.92
C CYS A 359 22.64 15.64 30.10
N CYS A 360 21.85 16.42 29.37
CA CYS A 360 21.91 17.92 29.39
C CYS A 360 21.48 18.45 30.77
N ALA A 361 20.83 17.61 31.58
CA ALA A 361 20.53 17.87 33.01
C ALA A 361 21.76 17.54 33.86
N ALA A 362 22.44 16.44 33.56
CA ALA A 362 23.61 15.90 34.31
C ALA A 362 24.76 16.90 34.27
N ALA A 363 25.61 16.87 35.32
CA ALA A 363 26.67 17.85 35.62
C ALA A 363 27.61 18.03 34.42
N ASP A 364 28.21 16.93 33.94
CA ASP A 364 29.11 16.89 32.75
C ASP A 364 28.33 16.30 31.58
N PRO A 365 27.75 17.13 30.67
CA PRO A 365 26.90 16.63 29.59
C PRO A 365 27.65 15.70 28.61
N HIS A 366 28.83 16.12 28.14
CA HIS A 366 29.65 15.37 27.13
C HIS A 366 29.94 13.96 27.67
N GLU A 367 30.39 13.86 28.92
CA GLU A 367 30.71 12.59 29.63
C GLU A 367 29.54 11.60 29.48
N CYS A 368 28.30 12.10 29.53
CA CYS A 368 27.05 11.29 29.61
C CYS A 368 26.67 10.73 28.23
N TYR A 369 26.58 11.58 27.20
CA TYR A 369 26.08 11.22 25.84
C TYR A 369 27.25 10.92 24.89
N ALA A 370 28.48 10.83 25.41
CA ALA A 370 29.72 10.56 24.65
C ALA A 370 29.56 9.29 23.81
N LYS A 371 28.93 8.25 24.37
CA LYS A 371 28.77 6.91 23.73
C LYS A 371 27.31 6.71 23.30
N VAL A 372 26.67 7.76 22.78
CA VAL A 372 25.25 7.71 22.29
C VAL A 372 25.17 6.82 21.05
N PHE A 373 26.22 6.80 20.23
CA PHE A 373 26.28 6.03 18.95
C PHE A 373 26.36 4.52 19.24
N ASP A 374 26.89 4.15 20.42
CA ASP A 374 26.96 2.74 20.89
C ASP A 374 25.53 2.18 21.06
N GLU A 375 24.54 3.06 21.29
CA GLU A 375 23.11 2.68 21.46
C GLU A 375 22.42 2.51 20.09
N PHE A 376 22.98 3.14 19.05
CA PHE A 376 22.44 3.11 17.66
C PHE A 376 22.81 1.79 16.96
N LYS A 377 23.96 1.20 17.31
CA LYS A 377 24.50 -0.03 16.67
C LYS A 377 23.46 -1.16 16.70
N PRO A 378 22.89 -1.55 17.87
CA PRO A 378 21.95 -2.66 17.91
C PRO A 378 20.60 -2.38 17.23
N LEU A 379 20.17 -1.12 17.26
CA LEU A 379 18.92 -0.66 16.58
C LEU A 379 19.06 -0.85 15.07
N VAL A 380 20.19 -0.45 14.50
CA VAL A 380 20.51 -0.60 13.04
C VAL A 380 20.63 -2.10 12.71
N GLU A 381 21.34 -2.85 13.55
CA GLU A 381 21.77 -4.24 13.27
C GLU A 381 20.56 -5.19 13.24
N GLU A 382 19.57 -4.97 14.10
CA GLU A 382 18.40 -5.89 14.27
C GLU A 382 17.67 -6.06 12.93
N PRO A 383 17.16 -4.98 12.28
CA PRO A 383 16.49 -5.11 10.99
C PRO A 383 17.40 -5.63 9.86
N GLN A 384 18.66 -5.19 9.85
CA GLN A 384 19.69 -5.63 8.86
C GLN A 384 19.88 -7.15 8.93
N ASN A 385 19.85 -7.72 10.15
CA ASN A 385 20.00 -9.18 10.41
C ASN A 385 18.75 -9.90 9.90
N LEU A 386 17.56 -9.44 10.31
CA LEU A 386 16.24 -10.03 9.95
C LEU A 386 16.09 -10.10 8.43
N ILE A 387 16.50 -9.05 7.72
CA ILE A 387 16.37 -8.94 6.23
C ILE A 387 17.29 -9.97 5.57
N LYS A 388 18.54 -10.06 6.04
CA LYS A 388 19.57 -10.97 5.47
C LYS A 388 19.19 -12.42 5.81
N GLN A 389 18.73 -12.65 7.04
CA GLN A 389 18.30 -13.99 7.55
C GLN A 389 17.08 -14.49 6.76
N ASN A 390 16.20 -13.58 6.34
CA ASN A 390 14.94 -13.91 5.62
C ASN A 390 15.21 -14.06 4.13
N CYS A 391 16.12 -13.26 3.57
CA CYS A 391 16.51 -13.30 2.13
C CYS A 391 17.36 -14.55 1.85
N GLU A 392 18.18 -14.99 2.81
CA GLU A 392 18.95 -16.25 2.74
C GLU A 392 17.97 -17.43 2.63
N LEU A 393 17.01 -17.50 3.56
CA LEU A 393 15.97 -18.56 3.62
C LEU A 393 15.11 -18.52 2.34
N PHE A 394 14.70 -17.32 1.93
CA PHE A 394 13.85 -17.11 0.71
C PHE A 394 14.55 -17.75 -0.50
N GLU A 395 15.86 -17.59 -0.60
CA GLU A 395 16.68 -18.06 -1.75
C GLU A 395 16.94 -19.57 -1.64
N GLN A 396 17.29 -20.05 -0.44
CA GLN A 396 17.51 -21.51 -0.15
C GLN A 396 16.27 -22.29 -0.58
N LEU A 397 15.09 -21.83 -0.18
CA LEU A 397 13.77 -22.33 -0.64
C LEU A 397 13.36 -21.54 -1.88
N GLY A 398 12.10 -21.68 -2.32
CA GLY A 398 11.47 -20.78 -3.30
C GLY A 398 10.47 -19.87 -2.60
N GLU A 399 9.78 -19.00 -3.35
CA GLU A 399 8.74 -18.10 -2.81
C GLU A 399 7.67 -18.96 -2.11
N TYR A 400 7.16 -19.99 -2.78
CA TYR A 400 6.09 -20.89 -2.28
C TYR A 400 6.55 -21.52 -0.95
N LYS A 401 7.66 -22.25 -0.98
CA LYS A 401 8.20 -23.00 0.19
C LYS A 401 8.53 -22.01 1.31
N PHE A 402 8.96 -20.79 0.95
CA PHE A 402 9.21 -19.68 1.90
C PHE A 402 7.87 -19.26 2.54
N GLN A 403 6.83 -19.05 1.72
CA GLN A 403 5.47 -18.71 2.20
C GLN A 403 5.02 -19.77 3.23
N ASN A 404 5.24 -21.04 2.91
CA ASN A 404 4.85 -22.20 3.77
C ASN A 404 5.59 -22.14 5.10
N ALA A 405 6.88 -21.78 5.07
CA ALA A 405 7.73 -21.59 6.27
C ALA A 405 7.10 -20.53 7.18
N LEU A 406 6.86 -19.34 6.64
CA LEU A 406 6.21 -18.20 7.37
C LEU A 406 4.84 -18.66 7.90
N LEU A 407 4.09 -19.40 7.07
CA LEU A 407 2.71 -19.88 7.40
C LEU A 407 2.72 -20.62 8.74
N VAL A 408 3.62 -21.59 8.89
CA VAL A 408 3.78 -22.41 10.13
C VAL A 408 4.23 -21.50 11.28
N ARG A 409 5.25 -20.67 11.04
CA ARG A 409 5.85 -19.72 12.02
C ARG A 409 4.75 -18.84 12.61
N TYR A 410 3.89 -18.26 11.76
CA TYR A 410 2.86 -17.26 12.16
C TYR A 410 1.64 -17.94 12.78
N THR A 411 1.20 -19.08 12.21
CA THR A 411 0.08 -19.88 12.77
C THR A 411 0.41 -20.28 14.21
N LYS A 412 1.66 -20.68 14.47
CA LYS A 412 2.14 -21.10 15.82
C LYS A 412 2.17 -19.90 16.77
N LYS A 413 2.49 -18.71 16.25
CA LYS A 413 2.58 -17.45 17.05
C LYS A 413 1.19 -17.01 17.49
N VAL A 414 0.27 -16.81 16.53
CA VAL A 414 -1.11 -16.30 16.79
C VAL A 414 -2.12 -17.19 16.05
N PRO A 415 -2.42 -18.39 16.58
CA PRO A 415 -3.34 -19.31 15.92
C PRO A 415 -4.83 -18.93 16.01
N GLN A 416 -5.16 -17.87 16.76
CA GLN A 416 -6.56 -17.39 16.95
C GLN A 416 -7.00 -16.56 15.74
N VAL A 417 -6.05 -16.11 14.92
CA VAL A 417 -6.31 -15.39 13.63
C VAL A 417 -6.95 -16.39 12.66
N SER A 418 -7.92 -15.93 11.85
CA SER A 418 -8.67 -16.76 10.87
C SER A 418 -7.69 -17.29 9.81
N THR A 419 -7.93 -18.51 9.32
CA THR A 419 -7.05 -19.20 8.33
C THR A 419 -6.82 -18.29 7.12
N PRO A 420 -7.88 -17.77 6.45
CA PRO A 420 -7.70 -16.93 5.26
C PRO A 420 -6.76 -15.75 5.49
N THR A 421 -6.79 -15.15 6.68
CA THR A 421 -5.90 -14.03 7.08
C THR A 421 -4.46 -14.55 7.20
N LEU A 422 -4.25 -15.62 7.97
CA LEU A 422 -2.92 -16.28 8.14
C LEU A 422 -2.34 -16.63 6.75
N VAL A 423 -3.17 -17.13 5.84
CA VAL A 423 -2.76 -17.52 4.46
C VAL A 423 -2.33 -16.27 3.70
N GLU A 424 -3.23 -15.27 3.62
CA GLU A 424 -3.04 -14.07 2.75
C GLU A 424 -1.84 -13.26 3.26
N VAL A 425 -1.73 -13.09 4.58
CA VAL A 425 -0.58 -12.39 5.24
C VAL A 425 0.72 -13.12 4.85
N SER A 426 0.79 -14.43 5.10
CA SER A 426 1.97 -15.31 4.81
C SER A 426 2.32 -15.25 3.33
N ARG A 427 1.32 -15.34 2.45
CA ARG A 427 1.49 -15.21 0.98
C ARG A 427 2.11 -13.84 0.66
N ASN A 428 1.54 -12.76 1.20
CA ASN A 428 1.97 -11.36 0.91
C ASN A 428 3.43 -11.18 1.34
N LEU A 429 3.85 -11.80 2.45
CA LEU A 429 5.23 -11.66 2.98
C LEU A 429 6.22 -12.46 2.13
N GLY A 430 5.76 -13.54 1.48
CA GLY A 430 6.52 -14.23 0.42
C GLY A 430 6.76 -13.29 -0.76
N LYS A 431 5.74 -12.54 -1.15
CA LYS A 431 5.78 -11.53 -2.24
C LYS A 431 6.76 -10.39 -1.85
N VAL A 432 6.80 -10.02 -0.58
CA VAL A 432 7.77 -9.00 -0.06
C VAL A 432 9.18 -9.58 -0.17
N GLY A 433 9.33 -10.84 0.24
CA GLY A 433 10.57 -11.62 0.07
C GLY A 433 11.05 -11.56 -1.38
N SER A 434 10.15 -11.83 -2.31
CA SER A 434 10.42 -11.91 -3.78
C SER A 434 10.97 -10.57 -4.29
N LYS A 435 10.22 -9.49 -4.09
CA LYS A 435 10.52 -8.14 -4.65
C LYS A 435 11.78 -7.57 -3.99
N CYS A 436 11.85 -7.59 -2.66
CA CYS A 436 12.86 -6.83 -1.86
C CYS A 436 14.21 -7.55 -1.84
N CYS A 437 14.24 -8.88 -1.82
CA CYS A 437 15.49 -9.69 -1.73
C CYS A 437 16.24 -9.69 -3.07
N LYS A 438 15.57 -9.30 -4.15
CA LYS A 438 16.18 -9.22 -5.51
C LYS A 438 16.79 -7.83 -5.72
N HIS A 439 16.31 -6.81 -4.99
CA HIS A 439 16.95 -5.48 -4.86
C HIS A 439 18.33 -5.63 -4.23
N PRO A 440 19.29 -4.73 -4.51
CA PRO A 440 20.62 -4.80 -3.89
C PRO A 440 20.56 -4.44 -2.40
N GLU A 441 21.58 -4.81 -1.62
CA GLU A 441 21.62 -4.67 -0.14
C GLU A 441 21.11 -3.29 0.29
N ALA A 442 21.48 -2.23 -0.43
CA ALA A 442 21.16 -0.82 -0.11
C ALA A 442 19.64 -0.61 -0.03
N LYS A 443 18.90 -0.95 -1.10
CA LYS A 443 17.47 -0.60 -1.26
C LYS A 443 16.55 -1.58 -0.53
N ARG A 444 17.09 -2.53 0.24
CA ARG A 444 16.33 -3.67 0.82
C ARG A 444 15.44 -3.19 1.98
N MET A 445 16.03 -2.59 3.01
CA MET A 445 15.30 -2.16 4.23
C MET A 445 14.22 -1.16 3.86
N PRO A 446 14.50 -0.17 2.98
CA PRO A 446 13.45 0.73 2.48
C PRO A 446 12.30 -0.07 1.84
N CYS A 447 12.63 -1.02 0.96
CA CYS A 447 11.66 -1.88 0.23
C CYS A 447 10.78 -2.63 1.22
N ALA A 448 11.41 -3.37 2.14
CA ALA A 448 10.76 -4.15 3.21
C ALA A 448 9.78 -3.25 3.98
N GLU A 449 10.19 -2.03 4.33
CA GLU A 449 9.37 -1.07 5.11
C GLU A 449 8.09 -0.73 4.34
N ASP A 450 8.23 -0.34 3.07
CA ASP A 450 7.11 0.14 2.21
C ASP A 450 5.98 -0.89 2.22
N TYR A 451 6.32 -2.18 2.07
CA TYR A 451 5.34 -3.29 1.89
C TYR A 451 4.88 -3.81 3.26
N LEU A 452 5.80 -3.96 4.22
CA LEU A 452 5.46 -4.41 5.59
C LEU A 452 4.45 -3.44 6.21
N SER A 453 4.68 -2.14 6.02
CA SER A 453 3.80 -1.06 6.55
C SER A 453 2.37 -1.31 6.09
N VAL A 454 2.23 -1.61 4.79
CA VAL A 454 0.91 -1.87 4.10
C VAL A 454 0.33 -3.19 4.65
N VAL A 455 1.13 -4.27 4.66
CA VAL A 455 0.69 -5.63 5.11
C VAL A 455 0.24 -5.54 6.57
N LEU A 456 1.06 -4.95 7.44
CA LEU A 456 0.81 -4.93 8.91
C LEU A 456 -0.41 -4.05 9.22
N ASN A 457 -0.54 -2.90 8.57
CA ASN A 457 -1.66 -1.95 8.80
C ASN A 457 -2.98 -2.61 8.38
N GLN A 458 -2.99 -3.35 7.27
CA GLN A 458 -4.21 -4.02 6.74
C GLN A 458 -4.62 -5.15 7.67
N LEU A 459 -3.67 -5.95 8.15
CA LEU A 459 -3.89 -6.98 9.20
C LEU A 459 -4.51 -6.32 10.44
N CYS A 460 -3.97 -5.18 10.88
CA CYS A 460 -4.41 -4.42 12.09
C CYS A 460 -5.83 -3.86 11.86
N VAL A 461 -6.09 -3.30 10.68
CA VAL A 461 -7.44 -2.80 10.26
C VAL A 461 -8.43 -3.97 10.40
N LEU A 462 -8.07 -5.12 9.82
CA LEU A 462 -8.88 -6.36 9.85
C LEU A 462 -9.08 -6.80 11.30
N HIS A 463 -8.02 -6.74 12.11
CA HIS A 463 -8.02 -7.11 13.55
C HIS A 463 -8.93 -6.17 14.34
N GLU A 464 -8.88 -4.86 14.05
CA GLU A 464 -9.75 -3.82 14.69
C GLU A 464 -11.22 -4.26 14.56
N LYS A 465 -11.63 -4.67 13.35
CA LYS A 465 -13.01 -5.12 13.04
C LYS A 465 -13.33 -6.36 13.88
N THR A 466 -12.51 -7.40 13.76
CA THR A 466 -12.72 -8.72 14.43
C THR A 466 -11.51 -9.08 15.27
N PRO A 467 -11.39 -8.55 16.52
CA PRO A 467 -10.23 -8.80 17.37
C PRO A 467 -10.19 -10.24 17.91
N VAL A 468 -9.00 -10.81 18.02
CA VAL A 468 -8.80 -12.21 18.52
C VAL A 468 -7.67 -12.26 19.56
N SER A 469 -6.52 -11.62 19.32
CA SER A 469 -5.34 -11.71 20.22
C SER A 469 -5.00 -10.34 20.80
N ASP A 470 -4.85 -10.27 22.14
CA ASP A 470 -4.56 -9.02 22.88
C ASP A 470 -3.13 -8.56 22.54
N ARG A 471 -2.29 -9.48 22.07
CA ARG A 471 -0.87 -9.21 21.69
C ARG A 471 -0.81 -8.55 20.30
N VAL A 472 -1.71 -8.92 19.39
CA VAL A 472 -1.89 -8.24 18.06
C VAL A 472 -2.43 -6.82 18.32
N THR A 473 -3.35 -6.68 19.27
CA THR A 473 -3.95 -5.38 19.67
C THR A 473 -2.85 -4.48 20.24
N LYS A 474 -1.87 -5.06 20.96
CA LYS A 474 -0.73 -4.32 21.56
C LYS A 474 0.12 -3.72 20.43
N CYS A 475 0.62 -4.57 19.53
CA CYS A 475 1.49 -4.21 18.38
C CYS A 475 0.78 -3.19 17.48
N CYS A 476 -0.54 -3.33 17.33
CA CYS A 476 -1.40 -2.47 16.46
C CYS A 476 -1.65 -1.10 17.10
N THR A 477 -1.63 -0.98 18.43
CA THR A 477 -1.89 0.28 19.19
C THR A 477 -0.60 0.97 19.62
N GLU A 478 0.56 0.31 19.43
CA GLU A 478 1.91 0.90 19.65
C GLU A 478 2.10 2.08 18.69
N SER A 479 3.22 2.79 18.83
CA SER A 479 3.67 3.81 17.84
C SER A 479 4.08 3.10 16.55
N LEU A 480 4.01 3.78 15.41
CA LEU A 480 4.33 3.22 14.08
C LEU A 480 5.81 2.79 14.06
N VAL A 481 6.65 3.49 14.83
CA VAL A 481 8.12 3.22 14.94
C VAL A 481 8.34 1.86 15.60
N ASN A 482 7.44 1.43 16.49
CA ASN A 482 7.57 0.20 17.31
C ASN A 482 6.67 -0.94 16.79
N ARG A 483 5.83 -0.67 15.78
CA ARG A 483 4.81 -1.64 15.29
C ARG A 483 5.48 -2.93 14.78
N ARG A 484 6.51 -2.82 13.94
CA ARG A 484 7.18 -3.97 13.28
C ARG A 484 7.98 -4.78 14.29
N PRO A 485 8.86 -4.16 15.12
CA PRO A 485 9.59 -4.89 16.15
C PRO A 485 8.70 -5.68 17.13
N CYS A 486 7.52 -5.13 17.47
CA CYS A 486 6.51 -5.77 18.34
C CYS A 486 6.03 -7.08 17.69
N PHE A 487 5.62 -7.01 16.42
CA PHE A 487 5.19 -8.17 15.60
C PHE A 487 6.34 -9.18 15.52
N SER A 488 7.55 -8.70 15.22
CA SER A 488 8.79 -9.52 15.19
C SER A 488 8.96 -10.26 16.52
N ALA A 489 8.61 -9.60 17.63
CA ALA A 489 8.84 -10.06 19.03
C ALA A 489 7.81 -11.12 19.46
N LEU A 490 6.65 -11.21 18.78
CA LEU A 490 5.58 -12.19 19.11
C LEU A 490 6.19 -13.60 19.15
N GLU A 491 5.94 -14.35 20.23
CA GLU A 491 6.51 -15.70 20.48
C GLU A 491 5.43 -16.76 20.26
N VAL A 492 5.84 -18.02 20.11
CA VAL A 492 4.95 -19.20 19.93
C VAL A 492 3.93 -19.22 21.07
N ASP A 493 2.65 -19.42 20.74
CA ASP A 493 1.54 -19.45 21.73
C ASP A 493 1.59 -20.78 22.48
N GLU A 494 1.72 -20.73 23.81
CA GLU A 494 1.77 -21.92 24.72
C GLU A 494 0.35 -22.25 25.20
N THR A 495 -0.43 -21.21 25.50
CA THR A 495 -1.75 -21.30 26.18
C THR A 495 -2.84 -21.84 25.25
N TYR A 496 -2.65 -21.73 23.92
CA TYR A 496 -3.66 -22.06 22.88
C TYR A 496 -4.04 -23.55 22.95
N VAL A 497 -5.33 -23.83 23.08
CA VAL A 497 -5.92 -25.22 23.03
C VAL A 497 -6.26 -25.53 21.58
N PRO A 498 -5.74 -26.65 21.01
CA PRO A 498 -5.93 -26.95 19.59
C PRO A 498 -7.39 -27.00 19.12
N LYS A 499 -7.60 -26.81 17.81
CA LYS A 499 -8.90 -26.86 17.10
C LYS A 499 -9.42 -28.31 17.10
N GLU A 500 -10.74 -28.51 17.17
CA GLU A 500 -11.38 -29.85 17.00
C GLU A 500 -11.16 -30.32 15.56
N PHE A 501 -10.84 -31.61 15.37
CA PHE A 501 -10.62 -32.24 14.04
C PHE A 501 -11.93 -32.19 13.24
N ASN A 502 -11.85 -31.77 11.98
CA ASN A 502 -13.00 -31.77 11.02
C ASN A 502 -12.58 -32.54 9.76
N ALA A 503 -13.29 -33.63 9.45
CA ALA A 503 -13.02 -34.56 8.34
C ALA A 503 -12.99 -33.80 7.00
N GLU A 504 -13.94 -32.89 6.79
CA GLU A 504 -14.15 -32.14 5.51
C GLU A 504 -12.98 -31.17 5.24
N THR A 505 -12.45 -30.54 6.29
CA THR A 505 -11.33 -29.56 6.20
C THR A 505 -10.13 -30.20 5.48
N PHE A 506 -9.92 -31.51 5.67
CA PHE A 506 -8.78 -32.28 5.12
C PHE A 506 -9.26 -33.28 4.05
N THR A 507 -10.47 -33.08 3.50
CA THR A 507 -11.02 -33.87 2.36
C THR A 507 -10.67 -33.13 1.06
N PHE A 508 -9.93 -33.80 0.18
CA PHE A 508 -9.45 -33.27 -1.14
C PHE A 508 -10.10 -34.05 -2.27
N HIS A 509 -10.40 -33.37 -3.39
CA HIS A 509 -11.13 -33.92 -4.56
C HIS A 509 -10.29 -33.73 -5.83
N ALA A 510 -10.70 -34.36 -6.93
CA ALA A 510 -9.98 -34.41 -8.22
C ALA A 510 -9.81 -33.01 -8.80
N ASP A 511 -10.67 -32.06 -8.40
CA ASP A 511 -10.63 -30.64 -8.85
C ASP A 511 -9.24 -30.04 -8.62
N ILE A 512 -8.59 -30.37 -7.50
CA ILE A 512 -7.25 -29.82 -7.10
C ILE A 512 -6.24 -30.02 -8.24
N CYS A 513 -6.41 -31.08 -9.04
CA CYS A 513 -5.53 -31.41 -10.19
C CYS A 513 -5.69 -30.36 -11.30
N THR A 514 -6.93 -29.90 -11.54
CA THR A 514 -7.31 -29.04 -12.68
C THR A 514 -7.30 -27.56 -12.29
N LEU A 515 -7.01 -27.23 -11.02
CA LEU A 515 -6.98 -25.82 -10.53
C LEU A 515 -5.69 -25.14 -11.00
N SER A 516 -5.76 -23.83 -11.24
CA SER A 516 -4.59 -22.95 -11.50
C SER A 516 -3.60 -23.04 -10.33
N GLU A 517 -2.35 -22.63 -10.55
CA GLU A 517 -1.25 -22.76 -9.55
C GLU A 517 -1.65 -22.04 -8.27
N LYS A 518 -2.17 -20.80 -8.37
CA LYS A 518 -2.58 -19.96 -7.21
C LYS A 518 -3.69 -20.68 -6.43
N GLU A 519 -4.79 -21.02 -7.13
CA GLU A 519 -5.96 -21.73 -6.54
C GLU A 519 -5.50 -22.97 -5.78
N ARG A 520 -4.58 -23.74 -6.38
CA ARG A 520 -4.01 -24.99 -5.81
C ARG A 520 -3.20 -24.64 -4.55
N GLN A 521 -2.26 -23.71 -4.67
CA GLN A 521 -1.36 -23.24 -3.57
C GLN A 521 -2.18 -22.81 -2.35
N ILE A 522 -3.18 -21.95 -2.56
CA ILE A 522 -4.04 -21.38 -1.47
C ILE A 522 -4.83 -22.52 -0.79
N LYS A 523 -5.22 -23.56 -1.53
CA LYS A 523 -5.97 -24.72 -0.99
C LYS A 523 -5.03 -25.55 -0.11
N LYS A 524 -3.83 -25.88 -0.63
CA LYS A 524 -2.78 -26.64 0.10
C LYS A 524 -2.34 -25.85 1.34
N GLN A 525 -2.10 -24.55 1.18
CA GLN A 525 -1.63 -23.64 2.27
C GLN A 525 -2.73 -23.52 3.34
N THR A 526 -4.00 -23.44 2.92
CA THR A 526 -5.17 -23.39 3.82
C THR A 526 -5.16 -24.62 4.74
N ALA A 527 -4.97 -25.81 4.16
CA ALA A 527 -4.92 -27.10 4.88
C ALA A 527 -3.69 -27.14 5.81
N LEU A 528 -2.54 -26.61 5.34
CA LEU A 528 -1.29 -26.56 6.14
C LEU A 528 -1.50 -25.72 7.41
N VAL A 529 -2.28 -24.64 7.32
CA VAL A 529 -2.64 -23.79 8.50
C VAL A 529 -3.50 -24.63 9.45
N GLU A 530 -4.60 -25.19 8.94
CA GLU A 530 -5.60 -25.98 9.72
C GLU A 530 -4.91 -27.17 10.40
N LEU A 531 -3.87 -27.72 9.76
CA LEU A 531 -3.02 -28.81 10.32
C LEU A 531 -2.25 -28.29 11.54
N VAL A 532 -1.59 -27.13 11.40
CA VAL A 532 -0.76 -26.51 12.48
C VAL A 532 -1.70 -26.08 13.62
N LYS A 533 -2.90 -25.59 13.27
CA LYS A 533 -3.94 -25.15 14.25
C LYS A 533 -4.42 -26.38 15.03
N HIS A 534 -4.53 -27.53 14.36
CA HIS A 534 -5.01 -28.81 14.94
C HIS A 534 -3.89 -29.47 15.77
N LYS A 535 -2.63 -29.23 15.41
CA LYS A 535 -1.45 -29.86 16.07
C LYS A 535 -0.32 -28.84 16.20
N PRO A 536 -0.43 -27.83 17.09
CA PRO A 536 0.62 -26.82 17.25
C PRO A 536 1.93 -27.31 17.88
N LYS A 537 1.90 -28.44 18.59
CA LYS A 537 3.10 -29.05 19.24
C LYS A 537 3.92 -29.86 18.22
N ALA A 538 3.38 -30.06 17.01
CA ALA A 538 4.01 -30.89 15.95
C ALA A 538 5.36 -30.29 15.52
N THR A 539 6.39 -31.13 15.44
CA THR A 539 7.80 -30.77 15.16
C THR A 539 7.98 -30.43 13.67
N LYS A 540 9.11 -29.81 13.32
CA LYS A 540 9.50 -29.48 11.92
C LYS A 540 9.57 -30.76 11.08
N GLU A 541 10.05 -31.86 11.68
CA GLU A 541 10.11 -33.21 11.07
C GLU A 541 8.68 -33.70 10.78
N GLN A 542 7.78 -33.56 11.75
CA GLN A 542 6.40 -34.10 11.72
C GLN A 542 5.57 -33.36 10.66
N LEU A 543 5.82 -32.07 10.47
CA LEU A 543 5.05 -31.21 9.52
C LEU A 543 5.43 -31.56 8.08
N LYS A 544 6.74 -31.58 7.76
CA LYS A 544 7.23 -31.85 6.39
C LYS A 544 6.92 -33.29 6.00
N ALA A 545 6.83 -34.20 6.98
CA ALA A 545 6.44 -35.62 6.78
C ALA A 545 5.04 -35.69 6.15
N VAL A 546 4.07 -35.02 6.78
CA VAL A 546 2.64 -34.94 6.33
C VAL A 546 2.60 -34.15 5.01
N MET A 547 3.39 -33.09 4.90
CA MET A 547 3.47 -32.22 3.69
C MET A 547 4.02 -33.02 2.51
N ASP A 548 5.02 -33.90 2.75
CA ASP A 548 5.64 -34.78 1.73
C ASP A 548 4.65 -35.90 1.36
N ASP A 549 4.06 -36.55 2.38
CA ASP A 549 3.08 -37.65 2.22
C ASP A 549 1.92 -37.16 1.33
N PHE A 550 1.38 -35.99 1.64
CA PHE A 550 0.23 -35.36 0.93
C PHE A 550 0.63 -34.98 -0.51
N ALA A 551 1.88 -34.56 -0.71
CA ALA A 551 2.44 -34.16 -2.02
C ALA A 551 2.48 -35.38 -2.96
N ALA A 552 2.89 -36.53 -2.42
CA ALA A 552 2.92 -37.85 -3.12
C ALA A 552 1.48 -38.30 -3.43
N PHE A 553 0.55 -38.03 -2.51
CA PHE A 553 -0.89 -38.39 -2.60
C PHE A 553 -1.51 -37.70 -3.82
N VAL A 554 -1.41 -36.37 -3.92
CA VAL A 554 -2.00 -35.57 -5.03
C VAL A 554 -1.32 -35.96 -6.35
N GLU A 555 0.01 -36.04 -6.37
CA GLU A 555 0.82 -36.28 -7.60
C GLU A 555 0.48 -37.67 -8.16
N LYS A 556 0.26 -38.65 -7.29
CA LYS A 556 -0.18 -40.03 -7.68
C LYS A 556 -1.61 -39.97 -8.24
N CYS A 557 -2.53 -39.36 -7.47
CA CYS A 557 -4.00 -39.39 -7.71
C CYS A 557 -4.41 -38.47 -8.87
N CYS A 558 -3.55 -37.53 -9.28
CA CYS A 558 -3.79 -36.63 -10.44
C CYS A 558 -3.27 -37.26 -11.74
N LYS A 559 -2.65 -38.45 -11.65
CA LYS A 559 -2.18 -39.25 -12.81
C LYS A 559 -3.07 -40.49 -13.01
N ALA A 560 -3.86 -40.86 -11.99
CA ALA A 560 -4.75 -42.06 -11.99
C ALA A 560 -5.85 -41.91 -13.06
N ASP A 561 -6.43 -43.03 -13.48
CA ASP A 561 -7.51 -43.12 -14.50
C ASP A 561 -8.87 -42.80 -13.85
N ASP A 562 -9.02 -43.11 -12.56
CA ASP A 562 -10.24 -42.82 -11.76
C ASP A 562 -9.82 -41.91 -10.60
N LYS A 563 -9.73 -40.61 -10.86
CA LYS A 563 -9.08 -39.60 -9.98
C LYS A 563 -9.95 -39.35 -8.74
N GLU A 564 -11.26 -39.18 -8.92
CA GLU A 564 -12.21 -38.86 -7.81
C GLU A 564 -12.18 -40.00 -6.78
N THR A 565 -12.16 -41.25 -7.24
CA THR A 565 -12.11 -42.47 -6.37
C THR A 565 -10.76 -42.56 -5.66
N CYS A 566 -9.66 -42.22 -6.36
CA CYS A 566 -8.28 -42.18 -5.83
C CYS A 566 -8.20 -41.24 -4.62
N PHE A 567 -8.81 -40.06 -4.72
CA PHE A 567 -8.81 -39.01 -3.67
C PHE A 567 -9.66 -39.48 -2.48
N ALA A 568 -10.81 -40.10 -2.75
CA ALA A 568 -11.72 -40.67 -1.72
C ALA A 568 -10.99 -41.78 -0.96
N GLU A 569 -10.47 -42.78 -1.69
CA GLU A 569 -9.84 -44.01 -1.13
C GLU A 569 -8.54 -43.66 -0.39
N GLU A 570 -7.54 -43.14 -1.10
CA GLU A 570 -6.17 -42.89 -0.57
C GLU A 570 -6.22 -41.74 0.45
N GLY A 571 -7.23 -40.86 0.33
CA GLY A 571 -7.42 -39.68 1.20
C GLY A 571 -7.72 -40.07 2.64
N LYS A 572 -8.75 -40.89 2.86
CA LYS A 572 -9.12 -41.38 4.22
C LYS A 572 -7.98 -42.24 4.77
N LYS A 573 -7.23 -42.92 3.89
CA LYS A 573 -5.99 -43.69 4.24
C LYS A 573 -4.92 -42.73 4.76
N LEU A 574 -4.57 -41.70 3.97
CA LEU A 574 -3.51 -40.71 4.30
C LEU A 574 -3.86 -39.96 5.58
N VAL A 575 -5.10 -39.49 5.69
CA VAL A 575 -5.60 -38.71 6.87
C VAL A 575 -5.52 -39.59 8.13
N ALA A 576 -5.91 -40.86 8.01
CA ALA A 576 -5.89 -41.85 9.12
C ALA A 576 -4.45 -42.08 9.60
N ALA A 577 -3.50 -42.19 8.67
CA ALA A 577 -2.05 -42.37 8.92
C ALA A 577 -1.52 -41.17 9.73
N SER A 578 -2.05 -39.98 9.47
CA SER A 578 -1.66 -38.72 10.17
C SER A 578 -2.23 -38.72 11.59
N GLN A 579 -3.50 -39.12 11.74
CA GLN A 579 -4.22 -39.21 13.05
C GLN A 579 -3.46 -40.16 13.97
N ALA A 580 -2.82 -41.19 13.41
CA ALA A 580 -1.92 -42.13 14.13
C ALA A 580 -0.59 -41.45 14.44
N ALA A 581 0.05 -40.89 13.40
CA ALA A 581 1.39 -40.25 13.46
C ALA A 581 1.40 -39.09 14.47
N LEU A 582 0.28 -38.38 14.60
CA LEU A 582 0.16 -37.13 15.42
C LEU A 582 -0.86 -37.33 16.54
N GLY A 583 -2.13 -37.57 16.18
CA GLY A 583 -3.25 -37.68 17.14
C GLY A 583 -4.57 -37.22 16.54
N LEU A 584 -5.70 -37.64 17.13
CA LEU A 584 -7.07 -37.32 16.65
C LEU A 584 -7.52 -35.98 17.25
#